data_7D9V
#
_entry.id   7D9V
#
_cell.length_a   70.975
_cell.length_b   83.158
_cell.length_c   110.831
_cell.angle_alpha   90.000
_cell.angle_beta   90.000
_cell.angle_gamma   90.000
#
_symmetry.space_group_name_H-M   'P 21 21 21'
#
loop_
_entity.id
_entity.type
_entity.pdbx_description
1 polymer '14-3-3 protein zeta/delta'
2 polymer 'CRTC1 pSer245 peptide'
3 non-polymer GLYCEROL
4 water water
#
loop_
_entity_poly.entity_id
_entity_poly.type
_entity_poly.pdbx_seq_one_letter_code
_entity_poly.pdbx_strand_id
1 'polypeptide(L)'
;MGSSHHHHHHSSGLVPRGSHMDKNELVQKAKLAEQAERYDDMAACMKSVTEQGAELSNEERNLLSVAYKNVVGARRSSWR
VVSSIEQKTEGAEKKQQMAREYREKIETELRDICNDVLSLLEKFLIPNASQAESKVFYLKMKGDYYRYLAEVAAGDDKKG
IVDQSQQAYQEAFEISKKEMQPTHPIRLGLALNFSVFYYEILNSPEKACSLAKTAFDEAIAELDTLSEESYKDSTLIMQL
LRDNLTLWTSDTQGDEAEAGEGGEN
;
A,B
2 'polypeptide(L)' HNTGG(SEP)LPDLT C,D
#
# COMPACT_ATOMS: atom_id res chain seq x y z
N MET A 21 15.95 -21.30 -3.28
CA MET A 21 17.25 -20.72 -2.97
C MET A 21 17.77 -21.21 -1.62
N ASP A 22 18.83 -20.57 -1.15
CA ASP A 22 19.33 -20.82 0.19
C ASP A 22 18.32 -20.28 1.21
N LYS A 23 18.19 -20.98 2.35
CA LYS A 23 17.26 -20.49 3.38
C LYS A 23 17.63 -19.07 3.79
N ASN A 24 18.90 -18.83 4.07
CA ASN A 24 19.30 -17.49 4.50
C ASN A 24 19.20 -16.48 3.36
N GLU A 25 19.34 -16.94 2.11
CA GLU A 25 19.12 -16.05 0.98
C GLU A 25 17.64 -15.70 0.84
N LEU A 26 16.77 -16.68 1.07
CA LEU A 26 15.34 -16.41 1.13
C LEU A 26 15.03 -15.37 2.20
N VAL A 27 15.65 -15.49 3.37
CA VAL A 27 15.33 -14.63 4.50
C VAL A 27 15.76 -13.19 4.21
N GLN A 28 16.90 -13.00 3.56
CA GLN A 28 17.36 -11.66 3.26
C GLN A 28 16.65 -11.08 2.04
N LYS A 29 16.08 -11.94 1.19
CA LYS A 29 15.19 -11.45 0.14
C LYS A 29 13.86 -11.00 0.75
N ALA A 30 13.41 -11.69 1.80
CA ALA A 30 12.22 -11.26 2.52
C ALA A 30 12.44 -9.91 3.21
N LYS A 31 13.65 -9.70 3.74
CA LYS A 31 13.99 -8.42 4.37
C LYS A 31 14.03 -7.29 3.35
N LEU A 32 14.58 -7.57 2.16
CA LEU A 32 14.53 -6.60 1.07
C LEU A 32 13.10 -6.27 0.69
N ALA A 33 12.27 -7.32 0.51
CA ALA A 33 10.87 -7.12 0.16
C ALA A 33 10.14 -6.28 1.22
N GLU A 34 10.45 -6.49 2.50
CA GLU A 34 9.77 -5.71 3.53
C GLU A 34 10.08 -4.22 3.40
N GLN A 35 11.34 -3.88 3.16
CA GLN A 35 11.68 -2.46 3.07
C GLN A 35 11.10 -1.84 1.81
N ALA A 36 10.92 -2.62 0.73
CA ALA A 36 10.23 -2.19 -0.48
C ALA A 36 8.72 -2.25 -0.35
N GLU A 37 8.22 -2.76 0.77
CA GLU A 37 6.79 -2.95 1.01
C GLU A 37 6.14 -3.81 -0.07
N ARG A 38 6.88 -4.83 -0.53
CA ARG A 38 6.36 -5.82 -1.47
C ARG A 38 6.09 -7.08 -0.67
N TYR A 39 4.95 -7.07 0.02
CA TYR A 39 4.63 -8.08 1.01
C TYR A 39 4.19 -9.41 0.42
N ASP A 40 3.73 -9.42 -0.84
CA ASP A 40 3.51 -10.70 -1.51
C ASP A 40 4.83 -11.44 -1.69
N ASP A 41 5.85 -10.72 -2.16
CA ASP A 41 7.20 -11.28 -2.23
C ASP A 41 7.69 -11.72 -0.85
N MET A 42 7.42 -10.89 0.17
CA MET A 42 7.90 -11.20 1.51
C MET A 42 7.28 -12.50 2.02
N ALA A 43 5.97 -12.66 1.84
CA ALA A 43 5.32 -13.89 2.30
C ALA A 43 5.75 -15.10 1.49
N ALA A 44 5.99 -14.91 0.18
CA ALA A 44 6.42 -16.03 -0.65
C ALA A 44 7.77 -16.56 -0.20
N CYS A 45 8.67 -15.67 0.24
CA CYS A 45 9.98 -16.15 0.65
C CYS A 45 9.94 -16.74 2.04
N MET A 46 9.12 -16.19 2.93
CA MET A 46 9.00 -16.76 4.26
C MET A 46 8.20 -18.04 4.26
N LYS A 47 7.27 -18.19 3.31
CA LYS A 47 6.60 -19.47 3.17
C LYS A 47 7.57 -20.55 2.70
N SER A 48 8.43 -20.20 1.74
CA SER A 48 9.44 -21.16 1.29
C SER A 48 10.39 -21.55 2.42
N VAL A 49 10.76 -20.60 3.27
CA VAL A 49 11.62 -20.91 4.41
C VAL A 49 10.93 -21.91 5.33
N THR A 50 9.66 -21.65 5.65
CA THR A 50 8.91 -22.52 6.54
C THR A 50 8.79 -23.93 5.98
N GLU A 51 8.55 -24.04 4.67
CA GLU A 51 8.32 -25.35 4.06
C GLU A 51 9.58 -26.20 4.01
N GLN A 52 10.77 -25.64 4.27
CA GLN A 52 11.97 -26.45 4.35
C GLN A 52 12.04 -27.28 5.63
N GLY A 53 11.10 -27.10 6.56
CA GLY A 53 10.91 -28.02 7.66
C GLY A 53 11.65 -27.71 8.95
N ALA A 54 12.64 -26.82 8.92
CA ALA A 54 13.38 -26.52 10.13
C ALA A 54 12.65 -25.47 10.96
N GLU A 55 12.87 -25.53 12.27
CA GLU A 55 12.29 -24.55 13.18
C GLU A 55 12.79 -23.15 12.85
N LEU A 56 11.86 -22.19 12.84
CA LEU A 56 12.20 -20.80 12.52
C LEU A 56 12.91 -20.13 13.68
N SER A 57 13.94 -19.33 13.37
CA SER A 57 14.51 -18.43 14.37
C SER A 57 13.48 -17.38 14.77
N ASN A 58 13.79 -16.66 15.86
CA ASN A 58 12.95 -15.55 16.27
C ASN A 58 12.84 -14.50 15.17
N GLU A 59 13.92 -14.29 14.39
CA GLU A 59 13.87 -13.31 13.30
C GLU A 59 13.02 -13.81 12.14
N GLU A 60 13.21 -15.07 11.74
CA GLU A 60 12.37 -15.65 10.70
C GLU A 60 10.91 -15.65 11.09
N ARG A 61 10.64 -15.96 12.37
CA ARG A 61 9.28 -15.91 12.90
C ARG A 61 8.67 -14.53 12.68
N ASN A 62 9.43 -13.48 13.01
CA ASN A 62 8.91 -12.13 12.90
C ASN A 62 8.62 -11.77 11.44
N LEU A 63 9.53 -12.13 10.52
CA LEU A 63 9.31 -11.79 9.11
C LEU A 63 8.08 -12.50 8.56
N LEU A 64 7.89 -13.77 8.91
CA LEU A 64 6.70 -14.49 8.45
C LEU A 64 5.44 -13.84 9.00
N SER A 65 5.47 -13.41 10.25
CA SER A 65 4.30 -12.77 10.83
C SER A 65 4.04 -11.41 10.20
N VAL A 66 5.12 -10.65 9.95
CA VAL A 66 5.00 -9.34 9.31
C VAL A 66 4.47 -9.50 7.89
N ALA A 67 5.01 -10.46 7.14
CA ALA A 67 4.60 -10.66 5.76
C ALA A 67 3.10 -10.91 5.65
N TYR A 68 2.60 -11.93 6.37
CA TYR A 68 1.20 -12.28 6.23
C TYR A 68 0.28 -11.30 6.94
N LYS A 69 0.76 -10.62 7.98
CA LYS A 69 -0.04 -9.55 8.59
C LYS A 69 -0.41 -8.51 7.55
N ASN A 70 0.53 -8.13 6.69
CA ASN A 70 0.28 -7.12 5.69
C ASN A 70 -0.49 -7.68 4.49
N VAL A 71 -0.23 -8.93 4.15
CA VAL A 71 -0.97 -9.55 3.04
C VAL A 71 -2.44 -9.70 3.42
N VAL A 72 -2.72 -10.18 4.63
CA VAL A 72 -4.12 -10.30 5.03
C VAL A 72 -4.72 -8.94 5.40
N GLY A 73 -3.91 -8.03 5.95
CA GLY A 73 -4.44 -6.75 6.40
C GLY A 73 -4.98 -5.89 5.28
N ALA A 74 -4.36 -5.98 4.09
CA ALA A 74 -4.88 -5.25 2.95
C ALA A 74 -6.29 -5.72 2.61
N ARG A 75 -6.53 -7.04 2.70
CA ARG A 75 -7.87 -7.58 2.41
C ARG A 75 -8.86 -7.23 3.52
N ARG A 76 -8.41 -7.28 4.78
CA ARG A 76 -9.29 -6.91 5.88
C ARG A 76 -9.75 -5.47 5.73
N SER A 77 -8.81 -4.56 5.48
CA SER A 77 -9.16 -3.15 5.32
C SER A 77 -10.06 -2.93 4.09
N SER A 78 -9.79 -3.63 2.97
CA SER A 78 -10.63 -3.44 1.79
C SER A 78 -11.99 -4.08 1.98
N TRP A 79 -12.06 -5.17 2.75
CA TRP A 79 -13.35 -5.80 3.05
C TRP A 79 -14.25 -4.88 3.84
N ARG A 80 -13.69 -4.20 4.84
CA ARG A 80 -14.50 -3.34 5.69
C ARG A 80 -15.07 -2.15 4.92
N VAL A 81 -14.29 -1.59 4.00
CA VAL A 81 -14.78 -0.48 3.18
C VAL A 81 -15.91 -0.94 2.27
N VAL A 82 -15.69 -2.04 1.55
CA VAL A 82 -16.67 -2.53 0.60
C VAL A 82 -17.91 -3.07 1.31
N SER A 83 -17.74 -3.65 2.50
CA SER A 83 -18.88 -4.13 3.27
C SER A 83 -19.77 -2.97 3.69
N SER A 84 -19.15 -1.86 4.11
CA SER A 84 -19.89 -0.68 4.50
C SER A 84 -20.66 -0.09 3.31
N ILE A 85 -20.09 -0.16 2.11
CA ILE A 85 -20.78 0.35 0.94
C ILE A 85 -21.97 -0.54 0.58
N GLU A 86 -21.79 -1.86 0.71
CA GLU A 86 -22.88 -2.78 0.41
C GLU A 86 -24.10 -2.50 1.26
N GLN A 87 -23.89 -2.19 2.54
CA GLN A 87 -25.00 -1.96 3.44
C GLN A 87 -25.68 -0.62 3.22
N LYS A 88 -24.96 0.37 2.68
CA LYS A 88 -25.50 1.71 2.51
C LYS A 88 -26.02 1.95 1.10
N THR A 89 -26.04 0.92 0.25
CA THR A 89 -26.59 1.02 -1.10
C THR A 89 -27.90 0.24 -1.24
N GLU A 90 -28.65 0.07 -0.15
CA GLU A 90 -29.96 -0.56 -0.25
C GLU A 90 -30.90 0.36 -1.02
N GLY A 91 -31.68 -0.23 -1.93
CA GLY A 91 -32.50 0.53 -2.84
C GLY A 91 -31.83 0.80 -4.18
N ALA A 92 -30.54 0.54 -4.28
CA ALA A 92 -29.76 0.67 -5.52
C ALA A 92 -29.22 -0.72 -5.86
N GLU A 93 -30.09 -1.55 -6.44
CA GLU A 93 -29.79 -2.96 -6.71
C GLU A 93 -28.44 -3.15 -7.40
N LYS A 94 -28.31 -2.59 -8.61
CA LYS A 94 -27.10 -2.81 -9.40
C LYS A 94 -25.84 -2.48 -8.61
N LYS A 95 -25.87 -1.37 -7.86
CA LYS A 95 -24.71 -0.97 -7.09
C LYS A 95 -24.53 -1.83 -5.84
N GLN A 96 -25.63 -2.22 -5.19
CA GLN A 96 -25.51 -3.12 -4.04
C GLN A 96 -25.00 -4.49 -4.46
N GLN A 97 -25.55 -5.06 -5.53
CA GLN A 97 -25.08 -6.36 -5.98
C GLN A 97 -23.64 -6.29 -6.46
N MET A 98 -23.26 -5.17 -7.08
CA MET A 98 -21.87 -4.99 -7.50
C MET A 98 -20.95 -4.93 -6.29
N ALA A 99 -21.36 -4.21 -5.24
CA ALA A 99 -20.59 -4.16 -4.02
C ALA A 99 -20.51 -5.53 -3.36
N ARG A 100 -21.62 -6.26 -3.34
CA ARG A 100 -21.65 -7.59 -2.73
C ARG A 100 -20.72 -8.56 -3.44
N GLU A 101 -20.72 -8.55 -4.78
CA GLU A 101 -19.87 -9.47 -5.51
C GLU A 101 -18.39 -9.13 -5.33
N TYR A 102 -18.05 -7.84 -5.26
CA TYR A 102 -16.68 -7.43 -4.98
C TYR A 102 -16.30 -7.79 -3.55
N ARG A 103 -17.23 -7.58 -2.60
CA ARG A 103 -17.00 -8.00 -1.23
C ARG A 103 -16.71 -9.49 -1.16
N GLU A 104 -17.42 -10.29 -1.97
CA GLU A 104 -17.23 -11.73 -1.99
C GLU A 104 -15.90 -12.12 -2.61
N LYS A 105 -15.42 -11.33 -3.58
CA LYS A 105 -14.11 -11.60 -4.18
C LYS A 105 -12.98 -11.31 -3.19
N ILE A 106 -13.10 -10.22 -2.43
CA ILE A 106 -12.13 -9.91 -1.39
C ILE A 106 -12.17 -10.97 -0.29
N GLU A 107 -13.36 -11.46 0.03
CA GLU A 107 -13.51 -12.49 1.05
C GLU A 107 -12.78 -13.78 0.67
N THR A 108 -12.87 -14.18 -0.59
CA THR A 108 -12.19 -15.39 -1.05
C THR A 108 -10.67 -15.20 -0.97
N GLU A 109 -10.16 -14.02 -1.33
CA GLU A 109 -8.74 -13.75 -1.15
C GLU A 109 -8.37 -13.86 0.33
N LEU A 110 -9.16 -13.21 1.19
CA LEU A 110 -8.91 -13.22 2.64
C LEU A 110 -8.90 -14.63 3.19
N ARG A 111 -9.90 -15.44 2.83
CA ARG A 111 -9.98 -16.80 3.34
C ARG A 111 -8.82 -17.65 2.82
N ASP A 112 -8.44 -17.47 1.55
CA ASP A 112 -7.33 -18.23 1.00
C ASP A 112 -6.02 -17.85 1.69
N ILE A 113 -5.86 -16.56 2.03
CA ILE A 113 -4.65 -16.13 2.76
C ILE A 113 -4.61 -16.76 4.14
N CYS A 114 -5.77 -16.85 4.81
CA CYS A 114 -5.75 -17.35 6.17
C CYS A 114 -5.58 -18.87 6.20
N ASN A 115 -6.11 -19.55 5.19
CA ASN A 115 -5.87 -20.98 5.08
C ASN A 115 -4.41 -21.27 4.76
N ASP A 116 -3.78 -20.42 3.94
CA ASP A 116 -2.35 -20.56 3.68
C ASP A 116 -1.56 -20.46 4.98
N VAL A 117 -1.89 -19.48 5.84
CA VAL A 117 -1.20 -19.32 7.11
C VAL A 117 -1.51 -20.48 8.05
N LEU A 118 -2.80 -20.81 8.18
CA LEU A 118 -3.18 -21.82 9.15
C LEU A 118 -2.69 -23.22 8.75
N SER A 119 -2.40 -23.43 7.46
CA SER A 119 -1.85 -24.71 7.03
C SER A 119 -0.34 -24.80 7.24
N LEU A 120 0.38 -23.68 7.11
CA LEU A 120 1.77 -23.66 7.56
C LEU A 120 1.85 -23.88 9.06
N LEU A 121 0.87 -23.34 9.80
CA LEU A 121 0.86 -23.50 11.25
C LEU A 121 0.66 -24.96 11.65
N GLU A 122 -0.19 -25.69 10.93
CA GLU A 122 -0.51 -27.05 11.34
C GLU A 122 0.51 -28.07 10.88
N LYS A 123 1.19 -27.82 9.76
CA LYS A 123 2.15 -28.78 9.23
C LYS A 123 3.56 -28.56 9.74
N PHE A 124 3.97 -27.31 9.96
CA PHE A 124 5.36 -27.01 10.26
C PHE A 124 5.51 -26.32 11.61
N LEU A 125 4.83 -25.20 11.83
CA LEU A 125 5.17 -24.30 12.93
C LEU A 125 4.77 -24.85 14.30
N ILE A 126 3.51 -25.23 14.46
CA ILE A 126 3.09 -25.70 15.79
C ILE A 126 3.78 -27.02 16.13
N PRO A 127 3.75 -28.06 15.29
CA PRO A 127 4.37 -29.34 15.70
C PRO A 127 5.86 -29.24 15.98
N ASN A 128 6.58 -28.34 15.32
CA ASN A 128 8.03 -28.25 15.49
C ASN A 128 8.46 -27.21 16.51
N ALA A 129 7.53 -26.61 17.25
CA ALA A 129 7.90 -25.62 18.26
C ALA A 129 8.44 -26.32 19.50
N SER A 130 9.75 -26.15 19.75
CA SER A 130 10.38 -26.87 20.86
C SER A 130 10.27 -26.12 22.18
N GLN A 131 10.16 -24.80 22.14
CA GLN A 131 10.11 -23.98 23.35
C GLN A 131 8.73 -23.36 23.50
N ALA A 132 8.39 -23.05 24.75
CA ALA A 132 7.06 -22.52 25.03
C ALA A 132 6.86 -21.16 24.38
N GLU A 133 7.93 -20.37 24.28
CA GLU A 133 7.86 -19.07 23.64
C GLU A 133 7.34 -19.18 22.21
N SER A 134 7.85 -20.16 21.45
CA SER A 134 7.43 -20.32 20.07
C SER A 134 6.08 -21.01 19.98
N LYS A 135 5.80 -21.92 20.90
CA LYS A 135 4.48 -22.54 20.95
C LYS A 135 3.40 -21.50 21.20
N VAL A 136 3.66 -20.56 22.11
CA VAL A 136 2.69 -19.50 22.39
C VAL A 136 2.57 -18.57 21.19
N PHE A 137 3.70 -18.26 20.54
CA PHE A 137 3.67 -17.40 19.36
C PHE A 137 2.79 -17.98 18.27
N TYR A 138 2.92 -19.28 18.03
CA TYR A 138 2.21 -19.92 16.93
C TYR A 138 0.75 -20.20 17.25
N LEU A 139 0.44 -20.55 18.50
CA LEU A 139 -0.97 -20.73 18.87
C LEU A 139 -1.73 -19.41 18.85
N LYS A 140 -1.07 -18.32 19.23
CA LYS A 140 -1.67 -17.00 19.09
C LYS A 140 -1.90 -16.67 17.63
N MET A 141 -0.90 -16.95 16.78
CA MET A 141 -1.06 -16.74 15.35
C MET A 141 -2.24 -17.52 14.79
N LYS A 142 -2.40 -18.76 15.25
CA LYS A 142 -3.58 -19.55 14.86
C LYS A 142 -4.87 -18.90 15.34
N GLY A 143 -4.87 -18.36 16.55
CA GLY A 143 -6.05 -17.64 17.03
C GLY A 143 -6.34 -16.40 16.20
N ASP A 144 -5.28 -15.69 15.78
CA ASP A 144 -5.45 -14.46 15.00
C ASP A 144 -6.11 -14.77 13.67
N TYR A 145 -5.60 -15.77 12.97
CA TYR A 145 -6.07 -15.97 11.60
C TYR A 145 -7.43 -16.68 11.55
N TYR A 146 -7.80 -17.42 12.58
CA TYR A 146 -9.18 -17.85 12.70
C TYR A 146 -10.09 -16.68 13.08
N ARG A 147 -9.59 -15.75 13.89
CA ARG A 147 -10.37 -14.55 14.21
C ARG A 147 -10.59 -13.72 12.95
N TYR A 148 -9.58 -13.63 12.08
CA TYR A 148 -9.79 -12.90 10.82
C TYR A 148 -10.82 -13.60 9.95
N LEU A 149 -10.84 -14.94 9.98
CA LEU A 149 -11.89 -15.66 9.27
C LEU A 149 -13.25 -15.41 9.92
N ALA A 150 -13.29 -15.31 11.25
CA ALA A 150 -14.57 -15.07 11.93
C ALA A 150 -15.11 -13.69 11.61
N GLU A 151 -14.23 -12.74 11.30
CA GLU A 151 -14.68 -11.39 10.97
C GLU A 151 -15.61 -11.39 9.75
N VAL A 152 -15.47 -12.38 8.87
CA VAL A 152 -16.18 -12.42 7.59
C VAL A 152 -17.06 -13.66 7.45
N ALA A 153 -17.15 -14.50 8.46
CA ALA A 153 -17.90 -15.74 8.34
C ALA A 153 -19.37 -15.50 8.67
N ALA A 154 -20.22 -16.37 8.12
CA ALA A 154 -21.66 -16.33 8.37
C ALA A 154 -22.02 -17.42 9.36
N GLY A 155 -23.17 -17.23 10.03
CA GLY A 155 -23.58 -18.10 11.13
C GLY A 155 -23.22 -19.57 11.00
N ASP A 156 -23.43 -20.14 9.80
CA ASP A 156 -23.23 -21.57 9.62
C ASP A 156 -21.81 -22.01 10.02
N ASP A 157 -20.81 -21.47 9.32
CA ASP A 157 -19.40 -21.80 9.57
C ASP A 157 -18.79 -20.97 10.68
N LYS A 158 -19.44 -19.88 11.08
CA LYS A 158 -18.84 -18.94 12.02
C LYS A 158 -18.69 -19.55 13.40
N LYS A 159 -19.68 -20.32 13.84
CA LYS A 159 -19.61 -20.92 15.17
C LYS A 159 -18.36 -21.78 15.34
N GLY A 160 -18.04 -22.60 14.34
CA GLY A 160 -16.87 -23.46 14.39
C GLY A 160 -15.58 -22.67 14.25
N ILE A 161 -15.58 -21.67 13.37
CA ILE A 161 -14.40 -20.83 13.21
C ILE A 161 -14.13 -20.06 14.49
N VAL A 162 -15.17 -19.52 15.11
CA VAL A 162 -15.00 -18.80 16.38
C VAL A 162 -14.41 -19.73 17.43
N ASP A 163 -14.90 -20.97 17.47
CA ASP A 163 -14.41 -21.93 18.45
C ASP A 163 -12.94 -22.27 18.19
N GLN A 164 -12.55 -22.38 16.91
CA GLN A 164 -11.15 -22.67 16.60
C GLN A 164 -10.23 -21.54 17.03
N SER A 165 -10.65 -20.29 16.85
CA SER A 165 -9.86 -19.15 17.31
C SER A 165 -9.76 -19.13 18.84
N GLN A 166 -10.87 -19.39 19.54
CA GLN A 166 -10.88 -19.35 21.00
C GLN A 166 -10.02 -20.44 21.62
N GLN A 167 -10.01 -21.64 21.05
CA GLN A 167 -9.27 -22.73 21.68
C GLN A 167 -7.76 -22.62 21.43
N ALA A 168 -7.36 -22.04 20.30
CA ALA A 168 -5.94 -21.75 20.10
C ALA A 168 -5.48 -20.65 21.05
N TYR A 169 -6.24 -19.57 21.15
CA TYR A 169 -5.93 -18.49 22.09
C TYR A 169 -5.87 -19.04 23.53
N GLN A 170 -6.87 -19.85 23.90
CA GLN A 170 -6.94 -20.37 25.27
C GLN A 170 -5.74 -21.24 25.62
N GLU A 171 -5.32 -22.11 24.70
CA GLU A 171 -4.15 -22.94 24.97
C GLU A 171 -2.89 -22.09 25.05
N ALA A 172 -2.72 -21.16 24.11
CA ALA A 172 -1.59 -20.23 24.20
C ALA A 172 -1.61 -19.48 25.53
N PHE A 173 -2.80 -19.07 25.96
CA PHE A 173 -2.96 -18.32 27.20
C PHE A 173 -2.49 -19.13 28.41
N GLU A 174 -2.91 -20.39 28.50
CA GLU A 174 -2.51 -21.24 29.62
C GLU A 174 -1.01 -21.52 29.59
N ILE A 175 -0.45 -21.80 28.41
CA ILE A 175 0.98 -22.07 28.30
C ILE A 175 1.79 -20.83 28.68
N SER A 176 1.40 -19.67 28.16
CA SER A 176 2.08 -18.44 28.52
C SER A 176 1.97 -18.18 30.02
N LYS A 177 0.83 -18.50 30.65
CA LYS A 177 0.68 -18.17 32.06
C LYS A 177 1.60 -18.98 32.95
N LYS A 178 1.94 -20.18 32.52
CA LYS A 178 2.76 -21.12 33.28
C LYS A 178 4.24 -21.06 32.93
N GLU A 179 4.61 -20.62 31.72
CA GLU A 179 5.99 -20.68 31.28
C GLU A 179 6.65 -19.34 31.01
N MET A 180 5.88 -18.24 30.99
CA MET A 180 6.43 -16.94 30.63
C MET A 180 6.16 -15.92 31.72
N GLN A 181 7.09 -14.98 31.88
CA GLN A 181 6.91 -13.95 32.88
C GLN A 181 5.88 -12.92 32.42
N PRO A 182 5.23 -12.23 33.36
CA PRO A 182 4.15 -11.31 32.99
C PRO A 182 4.56 -10.20 32.05
N THR A 183 5.84 -9.84 31.98
CA THR A 183 6.29 -8.78 31.08
C THR A 183 6.83 -9.32 29.77
N HIS A 184 6.82 -10.64 29.58
CA HIS A 184 7.30 -11.19 28.32
C HIS A 184 6.46 -10.61 27.17
N PRO A 185 7.12 -10.04 26.14
CA PRO A 185 6.34 -9.40 25.07
C PRO A 185 5.41 -10.35 24.33
N ILE A 186 5.77 -11.63 24.20
CA ILE A 186 4.90 -12.57 23.52
C ILE A 186 3.65 -12.83 24.35
N ARG A 187 3.82 -13.00 25.66
CA ARG A 187 2.67 -13.18 26.54
C ARG A 187 1.80 -11.93 26.58
N LEU A 188 2.41 -10.75 26.56
CA LEU A 188 1.63 -9.51 26.56
C LEU A 188 0.86 -9.33 25.26
N GLY A 189 1.51 -9.57 24.11
CA GLY A 189 0.82 -9.45 22.83
C GLY A 189 -0.33 -10.42 22.67
N LEU A 190 -0.20 -11.62 23.23
CA LEU A 190 -1.29 -12.58 23.19
C LEU A 190 -2.49 -12.10 24.01
N ALA A 191 -2.23 -11.58 25.22
CA ALA A 191 -3.31 -11.03 26.04
C ALA A 191 -4.03 -9.91 25.30
N LEU A 192 -3.28 -9.09 24.56
CA LEU A 192 -3.88 -8.00 23.79
C LEU A 192 -4.86 -8.54 22.76
N ASN A 193 -4.42 -9.51 21.95
CA ASN A 193 -5.28 -10.02 20.89
C ASN A 193 -6.39 -10.91 21.44
N PHE A 194 -6.11 -11.65 22.52
CA PHE A 194 -7.16 -12.43 23.17
C PHE A 194 -8.25 -11.50 23.74
N SER A 195 -7.83 -10.40 24.37
CA SER A 195 -8.82 -9.43 24.82
C SER A 195 -9.59 -8.84 23.64
N VAL A 196 -8.92 -8.61 22.51
CA VAL A 196 -9.63 -8.10 21.33
C VAL A 196 -10.63 -9.13 20.84
N PHE A 197 -10.26 -10.41 20.84
CA PHE A 197 -11.18 -11.47 20.46
C PHE A 197 -12.45 -11.43 21.31
N TYR A 198 -12.29 -11.33 22.63
CA TYR A 198 -13.46 -11.29 23.49
C TYR A 198 -14.35 -10.09 23.19
N TYR A 199 -13.74 -8.93 22.94
CA TYR A 199 -14.54 -7.73 22.71
C TYR A 199 -15.22 -7.77 21.36
N GLU A 200 -14.46 -8.06 20.29
CA GLU A 200 -14.96 -7.92 18.92
C GLU A 200 -15.66 -9.17 18.42
N ILE A 201 -15.23 -10.35 18.84
CA ILE A 201 -15.82 -11.58 18.32
C ILE A 201 -16.94 -12.09 19.23
N LEU A 202 -16.67 -12.23 20.52
CA LEU A 202 -17.68 -12.70 21.48
C LEU A 202 -18.52 -11.55 22.05
N ASN A 203 -18.21 -10.31 21.70
CA ASN A 203 -18.92 -9.13 22.21
C ASN A 203 -19.14 -9.18 23.73
N SER A 204 -18.04 -9.35 24.46
CA SER A 204 -18.10 -9.33 25.92
C SER A 204 -17.10 -8.27 26.41
N PRO A 205 -17.55 -7.01 26.52
CA PRO A 205 -16.62 -5.95 26.95
C PRO A 205 -16.05 -6.21 28.33
N GLU A 206 -16.82 -6.89 29.19
CA GLU A 206 -16.37 -7.22 30.53
C GLU A 206 -15.12 -8.09 30.50
N LYS A 207 -15.20 -9.22 29.81
CA LYS A 207 -14.11 -10.18 29.83
C LYS A 207 -12.89 -9.63 29.12
N ALA A 208 -13.11 -8.85 28.07
CA ALA A 208 -11.98 -8.22 27.37
C ALA A 208 -11.25 -7.28 28.33
N CYS A 209 -12.00 -6.44 29.04
CA CYS A 209 -11.40 -5.49 29.98
C CYS A 209 -10.67 -6.18 31.13
N SER A 210 -11.26 -7.22 31.71
CA SER A 210 -10.62 -7.86 32.85
C SER A 210 -9.35 -8.59 32.41
N LEU A 211 -9.35 -9.14 31.19
CA LEU A 211 -8.14 -9.77 30.66
C LEU A 211 -7.06 -8.73 30.38
N ALA A 212 -7.44 -7.60 29.77
CA ALA A 212 -6.48 -6.56 29.48
C ALA A 212 -5.96 -5.92 30.76
N LYS A 213 -6.84 -5.68 31.73
CA LYS A 213 -6.41 -5.06 32.98
C LYS A 213 -5.48 -5.99 33.77
N THR A 214 -5.79 -7.29 33.82
CA THR A 214 -4.95 -8.20 34.59
C THR A 214 -3.56 -8.29 33.98
N ALA A 215 -3.48 -8.38 32.65
CA ALA A 215 -2.17 -8.43 31.99
C ALA A 215 -1.38 -7.14 32.22
N PHE A 216 -2.06 -5.99 32.16
CA PHE A 216 -1.39 -4.71 32.39
C PHE A 216 -0.88 -4.61 33.82
N ASP A 217 -1.74 -4.91 34.80
CA ASP A 217 -1.34 -4.76 36.20
C ASP A 217 -0.23 -5.73 36.57
N GLU A 218 -0.29 -6.97 36.08
CA GLU A 218 0.74 -7.95 36.45
C GLU A 218 2.07 -7.60 35.79
N ALA A 219 2.04 -7.00 34.60
CA ALA A 219 3.29 -6.61 33.93
C ALA A 219 3.92 -5.41 34.63
N ILE A 220 3.11 -4.42 35.03
CA ILE A 220 3.65 -3.18 35.58
C ILE A 220 4.18 -3.36 36.99
N ALA A 221 3.83 -4.45 37.66
CA ALA A 221 4.38 -4.79 38.96
C ALA A 221 5.76 -5.43 38.89
N GLU A 222 6.26 -5.75 37.69
CA GLU A 222 7.55 -6.41 37.52
C GLU A 222 8.34 -5.78 36.37
N LEU A 223 8.50 -4.46 36.41
CA LEU A 223 9.26 -3.79 35.37
C LEU A 223 10.76 -4.05 35.47
N ASP A 224 11.26 -4.41 36.66
CA ASP A 224 12.65 -4.86 36.79
C ASP A 224 12.96 -6.05 35.87
N THR A 225 11.96 -6.87 35.55
CA THR A 225 12.21 -8.07 34.75
C THR A 225 12.37 -7.77 33.27
N LEU A 226 12.30 -6.50 32.87
CA LEU A 226 12.48 -6.13 31.48
C LEU A 226 13.94 -6.26 31.09
N SER A 227 14.22 -6.98 30.02
CA SER A 227 15.54 -6.95 29.39
C SER A 227 15.62 -5.82 28.38
N GLU A 228 16.84 -5.52 27.95
CA GLU A 228 17.03 -4.44 27.00
C GLU A 228 16.58 -4.82 25.59
N GLU A 229 16.55 -6.11 25.29
CA GLU A 229 15.94 -6.57 24.04
C GLU A 229 14.42 -6.47 24.05
N SER A 230 13.80 -6.50 25.24
CA SER A 230 12.35 -6.65 25.33
C SER A 230 11.61 -5.41 25.81
N TYR A 231 12.29 -4.43 26.40
CA TYR A 231 11.57 -3.37 27.12
C TYR A 231 10.72 -2.51 26.19
N LYS A 232 11.14 -2.25 24.94
CA LYS A 232 10.36 -1.34 24.13
C LYS A 232 9.11 -2.02 23.57
N ASP A 233 9.22 -3.30 23.22
CA ASP A 233 8.02 -4.04 22.79
C ASP A 233 7.05 -4.24 23.93
N SER A 234 7.56 -4.59 25.13
CA SER A 234 6.71 -4.87 26.28
C SER A 234 5.97 -3.63 26.75
N THR A 235 6.66 -2.49 26.82
CA THR A 235 6.03 -1.25 27.27
C THR A 235 5.04 -0.70 26.24
N LEU A 236 5.30 -0.91 24.95
CA LEU A 236 4.33 -0.50 23.95
C LEU A 236 3.04 -1.30 24.09
N ILE A 237 3.16 -2.64 24.12
CA ILE A 237 1.99 -3.49 24.27
C ILE A 237 1.21 -3.11 25.52
N MET A 238 1.92 -2.80 26.61
CA MET A 238 1.24 -2.35 27.82
C MET A 238 0.43 -1.09 27.56
N GLN A 239 1.00 -0.14 26.82
CA GLN A 239 0.25 1.07 26.50
C GLN A 239 -0.98 0.73 25.69
N LEU A 240 -0.86 -0.19 24.73
CA LEU A 240 -2.01 -0.57 23.90
C LEU A 240 -3.08 -1.27 24.72
N LEU A 241 -2.68 -2.13 25.64
CA LEU A 241 -3.64 -2.74 26.54
C LEU A 241 -4.42 -1.68 27.29
N ARG A 242 -3.74 -0.64 27.79
CA ARG A 242 -4.46 0.40 28.51
C ARG A 242 -5.26 1.29 27.58
N ASP A 243 -4.82 1.47 26.33
CA ASP A 243 -5.64 2.19 25.36
C ASP A 243 -6.99 1.50 25.16
N ASN A 244 -6.97 0.19 24.91
CA ASN A 244 -8.21 -0.56 24.72
C ASN A 244 -9.09 -0.48 25.95
N LEU A 245 -8.47 -0.65 27.13
CA LEU A 245 -9.18 -0.60 28.40
C LEU A 245 -9.93 0.73 28.53
N THR A 246 -9.26 1.84 28.22
CA THR A 246 -9.89 3.14 28.32
C THR A 246 -10.93 3.36 27.22
N LEU A 247 -10.77 2.69 26.07
CA LEU A 247 -11.75 2.81 25.00
C LEU A 247 -12.99 1.94 25.24
N TRP A 248 -12.82 0.80 25.89
CA TRP A 248 -13.92 -0.12 26.13
C TRP A 248 -14.72 0.19 27.40
N THR A 249 -14.23 1.07 28.28
CA THR A 249 -15.01 1.34 29.49
C THR A 249 -15.91 2.57 29.35
N SER A 250 -15.50 3.58 28.58
CA SER A 250 -16.33 4.78 28.46
C SER A 250 -17.36 4.69 27.33
N MET B 21 -17.80 -5.28 -20.55
CA MET B 21 -19.06 -4.95 -19.90
C MET B 21 -19.59 -3.59 -20.30
N ASP B 22 -20.63 -3.15 -19.61
CA ASP B 22 -21.15 -1.81 -19.83
C ASP B 22 -20.15 -0.78 -19.30
N LYS B 23 -20.05 0.35 -19.99
CA LYS B 23 -19.12 1.40 -19.56
C LYS B 23 -19.41 1.85 -18.14
N ASN B 24 -20.68 2.14 -17.83
CA ASN B 24 -21.00 2.65 -16.51
C ASN B 24 -20.80 1.61 -15.43
N GLU B 25 -20.92 0.33 -15.76
CA GLU B 25 -20.65 -0.72 -14.78
C GLU B 25 -19.15 -0.83 -14.51
N LEU B 26 -18.34 -0.73 -15.56
CA LEU B 26 -16.89 -0.66 -15.38
C LEU B 26 -16.48 0.51 -14.51
N VAL B 27 -17.09 1.68 -14.72
CA VAL B 27 -16.71 2.89 -14.00
C VAL B 27 -17.06 2.79 -12.52
N GLN B 28 -18.19 2.18 -12.18
CA GLN B 28 -18.57 2.12 -10.77
C GLN B 28 -17.78 1.04 -10.04
N LYS B 29 -17.28 0.04 -10.76
CA LYS B 29 -16.37 -0.89 -10.09
C LYS B 29 -15.00 -0.24 -9.90
N ALA B 30 -14.59 0.61 -10.84
CA ALA B 30 -13.35 1.36 -10.66
C ALA B 30 -13.45 2.28 -9.45
N LYS B 31 -14.62 2.91 -9.25
CA LYS B 31 -14.82 3.73 -8.05
C LYS B 31 -14.85 2.86 -6.80
N LEU B 32 -15.44 1.67 -6.89
CA LEU B 32 -15.39 0.72 -5.79
C LEU B 32 -13.95 0.32 -5.48
N ALA B 33 -13.19 -0.06 -6.52
CA ALA B 33 -11.80 -0.44 -6.34
C ALA B 33 -10.99 0.70 -5.73
N GLU B 34 -11.26 1.94 -6.13
CA GLU B 34 -10.50 3.07 -5.58
C GLU B 34 -10.69 3.20 -4.08
N GLN B 35 -11.93 3.10 -3.61
CA GLN B 35 -12.18 3.27 -2.18
C GLN B 35 -11.65 2.07 -1.38
N ALA B 36 -11.57 0.90 -2.00
CA ALA B 36 -10.94 -0.27 -1.40
C ALA B 36 -9.43 -0.22 -1.50
N GLU B 37 -8.87 0.78 -2.18
CA GLU B 37 -7.44 0.90 -2.43
C GLU B 37 -6.88 -0.34 -3.14
N ARG B 38 -7.68 -0.89 -4.07
CA ARG B 38 -7.25 -2.00 -4.92
C ARG B 38 -6.95 -1.42 -6.31
N TYR B 39 -5.79 -0.81 -6.43
CA TYR B 39 -5.51 -0.01 -7.63
C TYR B 39 -5.21 -0.86 -8.85
N ASP B 40 -4.84 -2.13 -8.68
CA ASP B 40 -4.77 -3.02 -9.84
C ASP B 40 -6.15 -3.22 -10.46
N ASP B 41 -7.16 -3.53 -9.63
CA ASP B 41 -8.53 -3.63 -10.11
C ASP B 41 -8.98 -2.31 -10.75
N MET B 42 -8.64 -1.19 -10.12
CA MET B 42 -9.07 0.11 -10.62
C MET B 42 -8.52 0.39 -12.02
N ALA B 43 -7.23 0.10 -12.24
CA ALA B 43 -6.63 0.32 -13.56
C ALA B 43 -7.21 -0.65 -14.59
N ALA B 44 -7.50 -1.88 -14.17
CA ALA B 44 -8.07 -2.86 -15.09
C ALA B 44 -9.43 -2.42 -15.59
N CYS B 45 -10.21 -1.75 -14.72
CA CYS B 45 -11.53 -1.34 -15.16
C CYS B 45 -11.44 -0.11 -16.03
N MET B 46 -10.52 0.79 -15.71
CA MET B 46 -10.39 1.98 -16.55
C MET B 46 -9.66 1.69 -17.85
N LYS B 47 -8.79 0.68 -17.87
CA LYS B 47 -8.21 0.27 -19.14
C LYS B 47 -9.29 -0.31 -20.06
N SER B 48 -10.23 -1.07 -19.49
CA SER B 48 -11.34 -1.62 -20.26
C SER B 48 -12.26 -0.50 -20.77
N VAL B 49 -12.51 0.52 -19.95
CA VAL B 49 -13.32 1.64 -20.41
C VAL B 49 -12.66 2.33 -21.59
N THR B 50 -11.34 2.57 -21.50
CA THR B 50 -10.61 3.25 -22.57
C THR B 50 -10.66 2.46 -23.87
N GLU B 51 -10.53 1.14 -23.80
CA GLU B 51 -10.44 0.32 -25.00
C GLU B 51 -11.75 0.22 -25.77
N GLN B 52 -12.86 0.67 -25.19
CA GLN B 52 -14.14 0.76 -25.90
C GLN B 52 -14.15 1.87 -26.94
N GLY B 53 -13.10 2.70 -26.98
CA GLY B 53 -12.88 3.62 -28.08
C GLY B 53 -13.51 4.97 -27.93
N ALA B 54 -14.45 5.15 -27.00
CA ALA B 54 -15.12 6.43 -26.88
C ALA B 54 -14.30 7.37 -26.00
N GLU B 55 -14.45 8.67 -26.25
CA GLU B 55 -13.77 9.68 -25.47
C GLU B 55 -14.17 9.61 -24.01
N LEU B 56 -13.17 9.65 -23.13
CA LEU B 56 -13.41 9.61 -21.69
C LEU B 56 -13.93 10.95 -21.21
N SER B 57 -14.92 10.90 -20.31
CA SER B 57 -15.34 12.10 -19.58
C SER B 57 -14.19 12.58 -18.69
N ASN B 58 -14.32 13.81 -18.18
CA ASN B 58 -13.36 14.33 -17.22
C ASN B 58 -13.29 13.43 -15.97
N GLU B 59 -14.41 12.85 -15.57
CA GLU B 59 -14.38 11.95 -14.41
C GLU B 59 -13.70 10.64 -14.75
N GLU B 60 -14.02 10.05 -15.90
CA GLU B 60 -13.34 8.83 -16.33
C GLU B 60 -11.85 9.08 -16.54
N ARG B 61 -11.50 10.22 -17.13
CA ARG B 61 -10.10 10.59 -17.35
C ARG B 61 -9.34 10.64 -16.04
N ASN B 62 -9.92 11.26 -15.01
CA ASN B 62 -9.26 11.34 -13.71
C ASN B 62 -9.12 9.97 -13.08
N LEU B 63 -10.15 9.12 -13.21
CA LEU B 63 -10.07 7.78 -12.63
C LEU B 63 -8.95 6.95 -13.25
N LEU B 64 -8.77 7.04 -14.57
CA LEU B 64 -7.68 6.32 -15.23
C LEU B 64 -6.32 6.83 -14.76
N SER B 65 -6.17 8.15 -14.61
CA SER B 65 -4.91 8.73 -14.20
C SER B 65 -4.59 8.40 -12.74
N VAL B 66 -5.61 8.43 -11.87
CA VAL B 66 -5.42 8.08 -10.47
C VAL B 66 -5.03 6.60 -10.34
N ALA B 67 -5.75 5.72 -11.03
CA ALA B 67 -5.46 4.30 -10.95
C ALA B 67 -4.01 4.00 -11.32
N TYR B 68 -3.57 4.47 -12.49
CA TYR B 68 -2.22 4.13 -12.93
C TYR B 68 -1.16 4.91 -12.16
N LYS B 69 -1.49 6.10 -11.66
CA LYS B 69 -0.56 6.77 -10.77
C LYS B 69 -0.22 5.88 -9.59
N ASN B 70 -1.22 5.17 -9.06
CA ASN B 70 -0.96 4.33 -7.90
C ASN B 70 -0.32 3.00 -8.25
N VAL B 71 -0.67 2.40 -9.39
CA VAL B 71 -0.03 1.14 -9.77
C VAL B 71 1.45 1.37 -10.09
N VAL B 72 1.77 2.44 -10.83
CA VAL B 72 3.17 2.71 -11.13
C VAL B 72 3.86 3.29 -9.91
N GLY B 73 3.12 4.06 -9.09
CA GLY B 73 3.70 4.69 -7.92
C GLY B 73 4.21 3.69 -6.89
N ALA B 74 3.52 2.55 -6.77
CA ALA B 74 4.04 1.52 -5.88
C ALA B 74 5.40 1.04 -6.34
N ARG B 75 5.58 0.84 -7.65
CA ARG B 75 6.86 0.35 -8.16
C ARG B 75 7.95 1.41 -8.07
N ARG B 76 7.62 2.66 -8.39
CA ARG B 76 8.59 3.75 -8.25
C ARG B 76 9.06 3.86 -6.80
N SER B 77 8.12 3.81 -5.86
CA SER B 77 8.48 3.87 -4.45
C SER B 77 9.38 2.71 -4.04
N SER B 78 9.04 1.50 -4.50
CA SER B 78 9.87 0.35 -4.13
C SER B 78 11.21 0.38 -4.84
N TRP B 79 11.23 0.95 -6.05
CA TRP B 79 12.49 1.08 -6.79
C TRP B 79 13.47 2.01 -6.05
N ARG B 80 12.98 3.14 -5.56
CA ARG B 80 13.87 4.08 -4.90
C ARG B 80 14.44 3.48 -3.63
N VAL B 81 13.64 2.69 -2.90
CA VAL B 81 14.14 2.05 -1.69
C VAL B 81 15.24 1.05 -2.05
N VAL B 82 14.97 0.18 -3.03
CA VAL B 82 15.92 -0.87 -3.36
C VAL B 82 17.17 -0.27 -4.00
N SER B 83 16.99 0.76 -4.83
CA SER B 83 18.15 1.41 -5.44
C SER B 83 19.02 2.08 -4.38
N SER B 84 18.39 2.68 -3.36
CA SER B 84 19.18 3.31 -2.33
C SER B 84 19.94 2.28 -1.51
N ILE B 85 19.33 1.11 -1.24
CA ILE B 85 20.04 0.06 -0.52
C ILE B 85 21.20 -0.45 -1.37
N GLU B 86 20.97 -0.59 -2.67
CA GLU B 86 22.04 -0.99 -3.58
C GLU B 86 23.20 0.00 -3.52
N GLN B 87 22.88 1.29 -3.40
CA GLN B 87 23.92 2.31 -3.36
C GLN B 87 24.66 2.29 -2.02
N LYS B 88 23.99 1.90 -0.95
CA LYS B 88 24.60 1.95 0.36
C LYS B 88 25.23 0.63 0.77
N THR B 89 25.16 -0.39 -0.09
CA THR B 89 25.79 -1.67 0.19
C THR B 89 27.00 -1.92 -0.69
N GLU B 90 27.63 -0.87 -1.21
CA GLU B 90 28.88 -1.07 -1.93
C GLU B 90 29.91 -1.57 -0.92
N GLY B 91 30.68 -2.57 -1.33
CA GLY B 91 31.55 -3.27 -0.41
C GLY B 91 30.92 -4.49 0.23
N ALA B 92 29.62 -4.68 0.09
CA ALA B 92 28.90 -5.85 0.61
C ALA B 92 28.26 -6.56 -0.58
N GLU B 93 29.07 -7.39 -1.24
CA GLU B 93 28.70 -8.03 -2.51
C GLU B 93 27.30 -8.68 -2.45
N LYS B 94 27.12 -9.66 -1.57
CA LYS B 94 25.87 -10.40 -1.54
C LYS B 94 24.65 -9.47 -1.44
N LYS B 95 24.72 -8.46 -0.57
CA LYS B 95 23.57 -7.57 -0.40
C LYS B 95 23.38 -6.67 -1.61
N GLN B 96 24.48 -6.17 -2.18
CA GLN B 96 24.35 -5.32 -3.36
C GLN B 96 23.80 -6.12 -4.54
N GLN B 97 24.30 -7.34 -4.74
CA GLN B 97 23.83 -8.12 -5.87
C GLN B 97 22.36 -8.50 -5.73
N MET B 98 21.92 -8.82 -4.52
CA MET B 98 20.51 -9.11 -4.31
C MET B 98 19.65 -7.87 -4.56
N ALA B 99 20.11 -6.72 -4.10
CA ALA B 99 19.37 -5.49 -4.37
C ALA B 99 19.34 -5.19 -5.86
N ARG B 100 20.46 -5.38 -6.56
CA ARG B 100 20.47 -5.10 -8.00
C ARG B 100 19.51 -6.03 -8.75
N GLU B 101 19.51 -7.31 -8.43
CA GLU B 101 18.61 -8.24 -9.12
C GLU B 101 17.15 -7.95 -8.79
N TYR B 102 16.89 -7.55 -7.54
CA TYR B 102 15.53 -7.14 -7.15
C TYR B 102 15.15 -5.84 -7.84
N ARG B 103 16.07 -4.89 -7.93
CA ARG B 103 15.77 -3.66 -8.65
C ARG B 103 15.38 -3.99 -10.10
N GLU B 104 16.08 -4.95 -10.72
CA GLU B 104 15.79 -5.29 -12.11
C GLU B 104 14.43 -5.97 -12.25
N LYS B 105 14.02 -6.73 -11.23
CA LYS B 105 12.70 -7.34 -11.25
C LYS B 105 11.64 -6.25 -11.16
N ILE B 106 11.87 -5.26 -10.32
CA ILE B 106 10.95 -4.14 -10.17
C ILE B 106 10.92 -3.29 -11.43
N GLU B 107 12.07 -3.14 -12.09
CA GLU B 107 12.15 -2.34 -13.30
C GLU B 107 11.26 -2.92 -14.41
N THR B 108 11.23 -4.26 -14.53
CA THR B 108 10.40 -4.91 -15.55
C THR B 108 8.91 -4.65 -15.29
N GLU B 109 8.48 -4.74 -14.04
CA GLU B 109 7.08 -4.40 -13.72
C GLU B 109 6.80 -2.95 -14.09
N LEU B 110 7.70 -2.05 -13.68
CA LEU B 110 7.55 -0.63 -13.98
C LEU B 110 7.47 -0.39 -15.47
N ARG B 111 8.34 -1.04 -16.25
CA ARG B 111 8.32 -0.82 -17.69
C ARG B 111 7.03 -1.33 -18.32
N ASP B 112 6.53 -2.47 -17.87
CA ASP B 112 5.27 -3.01 -18.39
C ASP B 112 4.10 -2.10 -18.06
N ILE B 113 4.11 -1.48 -16.88
CA ILE B 113 3.04 -0.55 -16.50
C ILE B 113 3.07 0.69 -17.39
N CYS B 114 4.26 1.22 -17.70
CA CYS B 114 4.26 2.45 -18.46
C CYS B 114 4.06 2.20 -19.95
N ASN B 115 4.49 1.03 -20.45
CA ASN B 115 4.15 0.68 -21.82
C ASN B 115 2.64 0.50 -21.99
N ASP B 116 2.00 -0.07 -20.98
CA ASP B 116 0.54 -0.20 -21.00
C ASP B 116 -0.14 1.17 -21.04
N VAL B 117 0.32 2.12 -20.22
CA VAL B 117 -0.26 3.46 -20.21
C VAL B 117 0.03 4.17 -21.52
N LEU B 118 1.29 4.10 -21.97
CA LEU B 118 1.71 4.82 -23.18
C LEU B 118 1.05 4.27 -24.43
N SER B 119 0.63 3.01 -24.42
CA SER B 119 -0.08 2.49 -25.58
C SER B 119 -1.56 2.87 -25.54
N LEU B 120 -2.15 2.98 -24.35
CA LEU B 120 -3.48 3.56 -24.26
C LEU B 120 -3.48 5.00 -24.72
N LEU B 121 -2.43 5.74 -24.37
CA LEU B 121 -2.35 7.15 -24.75
C LEU B 121 -2.24 7.31 -26.27
N GLU B 122 -1.46 6.43 -26.92
CA GLU B 122 -1.20 6.60 -28.34
C GLU B 122 -2.32 6.02 -29.20
N LYS B 123 -3.03 5.00 -28.72
CA LYS B 123 -4.08 4.36 -29.50
C LYS B 123 -5.45 5.01 -29.30
N PHE B 124 -5.72 5.54 -28.11
CA PHE B 124 -7.05 6.01 -27.79
C PHE B 124 -7.10 7.45 -27.32
N LEU B 125 -6.32 7.76 -26.28
CA LEU B 125 -6.55 8.98 -25.52
C LEU B 125 -6.14 10.22 -26.30
N ILE B 126 -4.92 10.25 -26.82
CA ILE B 126 -4.45 11.42 -27.56
C ILE B 126 -5.21 11.58 -28.89
N PRO B 127 -5.30 10.55 -29.75
CA PRO B 127 -5.99 10.77 -31.04
C PRO B 127 -7.45 11.16 -30.92
N ASN B 128 -8.15 10.72 -29.87
CA ASN B 128 -9.57 11.03 -29.72
C ASN B 128 -9.80 12.25 -28.83
N ALA B 129 -8.75 12.95 -28.43
CA ALA B 129 -8.91 14.13 -27.59
C ALA B 129 -9.41 15.28 -28.45
N SER B 130 -10.65 15.68 -28.24
CA SER B 130 -11.28 16.72 -29.05
C SER B 130 -11.04 18.12 -28.51
N GLN B 131 -10.75 18.27 -27.22
CA GLN B 131 -10.58 19.57 -26.59
C GLN B 131 -9.12 19.82 -26.23
N ALA B 132 -8.78 21.11 -26.13
CA ALA B 132 -7.38 21.46 -25.84
C ALA B 132 -6.99 21.03 -24.43
N GLU B 133 -7.93 21.14 -23.47
CA GLU B 133 -7.66 20.70 -22.11
C GLU B 133 -7.33 19.22 -22.07
N SER B 134 -8.04 18.41 -22.85
CA SER B 134 -7.79 16.97 -22.83
C SER B 134 -6.48 16.65 -23.52
N LYS B 135 -6.18 17.37 -24.60
CA LYS B 135 -4.90 17.19 -25.29
C LYS B 135 -3.74 17.53 -24.38
N VAL B 136 -3.87 18.61 -23.60
CA VAL B 136 -2.80 18.97 -22.67
C VAL B 136 -2.70 17.94 -21.56
N PHE B 137 -3.84 17.45 -21.06
CA PHE B 137 -3.82 16.44 -19.99
C PHE B 137 -3.08 15.18 -20.44
N TYR B 138 -3.42 14.65 -21.62
CA TYR B 138 -2.83 13.40 -22.08
C TYR B 138 -1.42 13.56 -22.60
N LEU B 139 -1.09 14.70 -23.20
CA LEU B 139 0.29 14.91 -23.62
C LEU B 139 1.20 15.06 -22.41
N LYS B 140 0.70 15.67 -21.34
CA LYS B 140 1.45 15.71 -20.09
C LYS B 140 1.59 14.31 -19.51
N MET B 141 0.50 13.54 -19.52
CA MET B 141 0.53 12.16 -19.05
C MET B 141 1.55 11.34 -19.85
N LYS B 142 1.61 11.57 -21.17
CA LYS B 142 2.63 10.91 -21.99
C LYS B 142 4.02 11.37 -21.57
N GLY B 143 4.18 12.66 -21.26
CA GLY B 143 5.45 13.11 -20.72
C GLY B 143 5.77 12.45 -19.39
N ASP B 144 4.73 12.27 -18.55
CA ASP B 144 4.93 11.69 -17.22
C ASP B 144 5.44 10.26 -17.29
N TYR B 145 4.79 9.42 -18.09
CA TYR B 145 5.15 8.01 -18.03
C TYR B 145 6.42 7.69 -18.82
N TYR B 146 6.79 8.52 -19.79
CA TYR B 146 8.14 8.38 -20.34
C TYR B 146 9.18 8.83 -19.31
N ARG B 147 8.85 9.84 -18.50
CA ARG B 147 9.76 10.27 -17.44
C ARG B 147 9.98 9.15 -16.43
N TYR B 148 8.92 8.40 -16.11
CA TYR B 148 9.08 7.26 -15.22
C TYR B 148 9.96 6.19 -15.87
N LEU B 149 9.86 6.01 -17.19
CA LEU B 149 10.77 5.10 -17.88
C LEU B 149 12.19 5.64 -17.84
N ALA B 150 12.35 6.96 -18.00
CA ALA B 150 13.67 7.54 -17.96
C ALA B 150 14.29 7.44 -16.58
N GLU B 151 13.46 7.40 -15.53
CA GLU B 151 13.98 7.29 -14.16
C GLU B 151 14.76 5.99 -13.96
N VAL B 152 14.44 4.94 -14.72
CA VAL B 152 15.03 3.61 -14.55
C VAL B 152 15.73 3.13 -15.81
N ALA B 153 15.86 3.97 -16.83
CA ALA B 153 16.51 3.53 -18.06
C ALA B 153 18.02 3.70 -17.96
N ALA B 154 18.74 2.87 -18.70
CA ALA B 154 20.20 3.00 -18.77
C ALA B 154 20.67 2.62 -20.16
N GLY B 155 21.85 3.13 -20.51
CA GLY B 155 22.47 2.86 -21.79
C GLY B 155 21.86 3.55 -23.00
N ASP B 156 21.87 2.82 -24.12
CA ASP B 156 21.44 3.35 -25.41
C ASP B 156 20.02 3.90 -25.37
N ASP B 157 19.07 3.15 -24.82
CA ASP B 157 17.67 3.50 -24.92
C ASP B 157 17.30 4.71 -24.09
N LYS B 158 18.16 5.15 -23.17
CA LYS B 158 17.78 6.25 -22.29
C LYS B 158 17.63 7.55 -23.07
N LYS B 159 18.55 7.81 -24.01
CA LYS B 159 18.47 9.06 -24.77
C LYS B 159 17.14 9.20 -25.50
N GLY B 160 16.66 8.12 -26.13
CA GLY B 160 15.41 8.19 -26.87
C GLY B 160 14.21 8.33 -25.95
N ILE B 161 14.26 7.66 -24.80
CA ILE B 161 13.19 7.76 -23.80
C ILE B 161 13.11 9.17 -23.24
N VAL B 162 14.26 9.77 -22.95
CA VAL B 162 14.29 11.14 -22.45
C VAL B 162 13.72 12.10 -23.48
N ASP B 163 14.07 11.89 -24.75
CA ASP B 163 13.56 12.76 -25.82
C ASP B 163 12.06 12.63 -25.98
N GLN B 164 11.53 11.41 -25.86
CA GLN B 164 10.09 11.22 -25.99
C GLN B 164 9.36 11.95 -24.86
N SER B 165 9.90 11.89 -23.65
CA SER B 165 9.31 12.63 -22.53
C SER B 165 9.36 14.13 -22.77
N GLN B 166 10.51 14.63 -23.23
CA GLN B 166 10.65 16.06 -23.42
C GLN B 166 9.73 16.57 -24.50
N GLN B 167 9.56 15.80 -25.58
CA GLN B 167 8.74 16.29 -26.69
C GLN B 167 7.25 16.19 -26.36
N ALA B 168 6.86 15.23 -25.52
CA ALA B 168 5.48 15.20 -25.06
C ALA B 168 5.18 16.39 -24.17
N TYR B 169 6.06 16.65 -23.19
CA TYR B 169 5.91 17.84 -22.35
C TYR B 169 5.92 19.12 -23.20
N GLN B 170 6.84 19.21 -24.16
CA GLN B 170 6.97 20.43 -24.95
C GLN B 170 5.70 20.72 -25.74
N GLU B 171 5.10 19.70 -26.36
CA GLU B 171 3.87 19.95 -27.11
C GLU B 171 2.72 20.32 -26.18
N ALA B 172 2.57 19.61 -25.06
CA ALA B 172 1.56 19.98 -24.07
C ALA B 172 1.76 21.43 -23.61
N PHE B 173 3.02 21.80 -23.40
CA PHE B 173 3.38 23.14 -22.92
C PHE B 173 2.94 24.22 -23.91
N GLU B 174 3.22 24.00 -25.21
CA GLU B 174 2.84 25.01 -26.19
C GLU B 174 1.33 25.14 -26.30
N ILE B 175 0.61 24.01 -26.30
CA ILE B 175 -0.85 24.09 -26.33
C ILE B 175 -1.36 24.80 -25.09
N SER B 176 -0.81 24.44 -23.92
CA SER B 176 -1.27 25.04 -22.67
C SER B 176 -1.07 26.55 -22.67
N LYS B 177 0.07 27.03 -23.17
CA LYS B 177 0.35 28.45 -23.14
C LYS B 177 -0.57 29.22 -24.09
N LYS B 178 -1.02 28.57 -25.17
CA LYS B 178 -1.85 29.26 -26.13
C LYS B 178 -3.34 29.15 -25.84
N GLU B 179 -3.78 28.11 -25.11
CA GLU B 179 -5.21 27.89 -24.89
C GLU B 179 -5.65 28.06 -23.44
N MET B 180 -4.73 28.12 -22.48
CA MET B 180 -5.12 28.14 -21.08
C MET B 180 -4.56 29.37 -20.37
N GLN B 181 -5.30 29.84 -19.38
CA GLN B 181 -4.84 30.95 -18.57
C GLN B 181 -3.75 30.46 -17.63
N PRO B 182 -2.85 31.35 -17.20
CA PRO B 182 -1.71 30.89 -16.36
C PRO B 182 -2.13 30.26 -15.05
N THR B 183 -3.37 30.49 -14.58
CA THR B 183 -3.86 29.95 -13.33
C THR B 183 -4.61 28.63 -13.52
N HIS B 184 -4.73 28.14 -14.74
CA HIS B 184 -5.41 26.87 -14.98
C HIS B 184 -4.67 25.75 -14.29
N PRO B 185 -5.32 24.92 -13.45
CA PRO B 185 -4.59 23.89 -12.71
C PRO B 185 -3.88 22.89 -13.59
N ILE B 186 -4.42 22.58 -14.78
CA ILE B 186 -3.75 21.64 -15.66
C ILE B 186 -2.48 22.26 -16.23
N ARG B 187 -2.53 23.54 -16.59
CA ARG B 187 -1.34 24.24 -17.07
C ARG B 187 -0.30 24.34 -15.95
N LEU B 188 -0.73 24.64 -14.74
CA LEU B 188 0.20 24.74 -13.61
C LEU B 188 0.80 23.37 -13.29
N GLY B 189 -0.03 22.32 -13.23
CA GLY B 189 0.49 21.00 -12.95
C GLY B 189 1.46 20.51 -14.00
N LEU B 190 1.22 20.88 -15.27
CA LEU B 190 2.16 20.51 -16.33
C LEU B 190 3.49 21.23 -16.13
N ALA B 191 3.44 22.53 -15.84
CA ALA B 191 4.66 23.27 -15.54
C ALA B 191 5.40 22.66 -14.37
N LEU B 192 4.66 22.17 -13.36
CA LEU B 192 5.30 21.52 -12.23
C LEU B 192 6.07 20.27 -12.67
N ASN B 193 5.40 19.40 -13.42
CA ASN B 193 6.04 18.13 -13.79
C ASN B 193 7.11 18.31 -14.86
N PHE B 194 6.92 19.26 -15.79
CA PHE B 194 7.96 19.61 -16.75
C PHE B 194 9.17 20.19 -16.03
N SER B 195 8.93 21.02 -15.01
CA SER B 195 10.02 21.54 -14.18
C SER B 195 10.80 20.41 -13.53
N VAL B 196 10.08 19.40 -13.03
CA VAL B 196 10.72 18.26 -12.37
C VAL B 196 11.51 17.44 -13.39
N PHE B 197 10.97 17.28 -14.60
CA PHE B 197 11.71 16.58 -15.65
C PHE B 197 13.07 17.22 -15.89
N TYR B 198 13.12 18.55 -15.99
CA TYR B 198 14.39 19.23 -16.22
C TYR B 198 15.36 19.01 -15.06
N TYR B 199 14.85 19.05 -13.82
CA TYR B 199 15.74 18.94 -12.67
C TYR B 199 16.25 17.51 -12.52
N GLU B 200 15.36 16.53 -12.49
CA GLU B 200 15.73 15.17 -12.13
C GLU B 200 16.19 14.33 -13.31
N ILE B 201 15.63 14.55 -14.50
CA ILE B 201 15.94 13.73 -15.66
C ILE B 201 17.05 14.35 -16.50
N LEU B 202 16.93 15.64 -16.81
CA LEU B 202 17.93 16.34 -17.61
C LEU B 202 19.06 16.93 -16.78
N ASN B 203 19.02 16.79 -15.45
CA ASN B 203 20.00 17.38 -14.54
C ASN B 203 20.30 18.83 -14.92
N SER B 204 19.24 19.62 -15.06
CA SER B 204 19.34 21.03 -15.44
C SER B 204 18.58 21.90 -14.43
N PRO B 205 19.22 22.28 -13.33
CA PRO B 205 18.50 23.09 -12.32
C PRO B 205 18.12 24.49 -12.78
N GLU B 206 18.90 25.17 -13.62
CA GLU B 206 18.51 26.51 -14.09
C GLU B 206 17.20 26.44 -14.86
N LYS B 207 17.14 25.56 -15.85
CA LYS B 207 15.97 25.47 -16.70
C LYS B 207 14.77 25.08 -15.86
N ALA B 208 14.98 24.20 -14.86
CA ALA B 208 13.91 23.77 -13.98
C ALA B 208 13.40 24.95 -13.16
N CYS B 209 14.32 25.69 -12.54
CA CYS B 209 13.94 26.85 -11.74
C CYS B 209 13.27 27.92 -12.59
N SER B 210 13.82 28.19 -13.78
CA SER B 210 13.26 29.24 -14.62
C SER B 210 11.86 28.89 -15.10
N LEU B 211 11.61 27.60 -15.36
CA LEU B 211 10.28 27.18 -15.77
C LEU B 211 9.29 27.29 -14.61
N ALA B 212 9.70 26.83 -13.43
CA ALA B 212 8.83 26.91 -12.26
C ALA B 212 8.60 28.36 -11.85
N LYS B 213 9.63 29.18 -11.92
CA LYS B 213 9.48 30.58 -11.51
C LYS B 213 8.55 31.33 -12.46
N THR B 214 8.69 31.12 -13.77
CA THR B 214 7.84 31.81 -14.73
C THR B 214 6.38 31.37 -14.60
N ALA B 215 6.15 30.07 -14.41
CA ALA B 215 4.79 29.59 -14.20
C ALA B 215 4.18 30.19 -12.95
N PHE B 216 4.96 30.30 -11.87
CA PHE B 216 4.43 30.91 -10.65
C PHE B 216 4.12 32.38 -10.86
N ASP B 217 5.08 33.12 -11.45
CA ASP B 217 4.92 34.56 -11.63
C ASP B 217 3.80 34.90 -12.59
N GLU B 218 3.64 34.13 -13.66
CA GLU B 218 2.57 34.42 -14.61
C GLU B 218 1.20 34.16 -14.03
N ALA B 219 1.11 33.20 -13.12
CA ALA B 219 -0.17 32.92 -12.46
C ALA B 219 -0.52 34.04 -11.49
N ILE B 220 0.48 34.56 -10.77
CA ILE B 220 0.22 35.55 -9.75
C ILE B 220 -0.05 36.92 -10.35
N ALA B 221 0.33 37.11 -11.61
CA ALA B 221 0.04 38.35 -12.33
C ALA B 221 -1.38 38.39 -12.88
N GLU B 222 -2.11 37.28 -12.87
CA GLU B 222 -3.49 37.26 -13.35
C GLU B 222 -4.34 36.37 -12.45
N LEU B 223 -4.35 36.67 -11.15
CA LEU B 223 -5.19 35.95 -10.21
C LEU B 223 -6.67 36.23 -10.45
N ASP B 224 -6.99 37.33 -11.12
CA ASP B 224 -8.36 37.59 -11.57
C ASP B 224 -8.91 36.42 -12.37
N THR B 225 -8.05 35.67 -13.08
CA THR B 225 -8.49 34.57 -13.93
C THR B 225 -8.79 33.31 -13.16
N LEU B 226 -8.65 33.33 -11.83
CA LEU B 226 -8.90 32.14 -11.03
C LEU B 226 -10.39 31.86 -11.00
N SER B 227 -10.77 30.63 -11.34
CA SER B 227 -12.15 30.23 -11.11
C SER B 227 -12.33 29.76 -9.68
N GLU B 228 -13.58 29.79 -9.21
CA GLU B 228 -13.85 29.33 -7.85
C GLU B 228 -13.90 27.81 -7.79
N GLU B 229 -14.16 27.16 -8.93
CA GLU B 229 -14.10 25.71 -9.02
C GLU B 229 -12.67 25.19 -8.94
N SER B 230 -11.69 26.00 -9.34
CA SER B 230 -10.31 25.57 -9.53
C SER B 230 -9.34 26.21 -8.54
N TYR B 231 -9.75 27.25 -7.80
CA TYR B 231 -8.82 28.10 -7.08
C TYR B 231 -8.02 27.32 -6.03
N LYS B 232 -8.60 26.28 -5.44
CA LYS B 232 -7.83 25.59 -4.41
C LYS B 232 -6.77 24.70 -5.01
N ASP B 233 -7.07 24.06 -6.16
CA ASP B 233 -6.05 23.29 -6.85
C ASP B 233 -4.96 24.20 -7.40
N SER B 234 -5.36 25.33 -7.98
CA SER B 234 -4.38 26.24 -8.56
C SER B 234 -3.46 26.81 -7.50
N THR B 235 -4.02 27.23 -6.35
CA THR B 235 -3.16 27.82 -5.33
C THR B 235 -2.26 26.78 -4.67
N LEU B 236 -2.71 25.52 -4.57
CA LEU B 236 -1.82 24.49 -4.05
C LEU B 236 -0.66 24.24 -5.00
N ILE B 237 -0.95 24.03 -6.29
CA ILE B 237 0.11 23.78 -7.27
C ILE B 237 1.09 24.95 -7.31
N MET B 238 0.62 26.19 -7.19
CA MET B 238 1.54 27.31 -7.09
C MET B 238 2.47 27.17 -5.89
N GLN B 239 1.92 26.77 -4.75
CA GLN B 239 2.75 26.55 -3.57
C GLN B 239 3.77 25.46 -3.82
N LEU B 240 3.37 24.37 -4.49
CA LEU B 240 4.30 23.30 -4.80
C LEU B 240 5.38 23.77 -5.77
N LEU B 241 5.02 24.59 -6.76
CA LEU B 241 6.02 25.13 -7.68
C LEU B 241 7.11 25.90 -6.92
N ARG B 242 6.69 26.74 -5.99
CA ARG B 242 7.66 27.54 -5.25
C ARG B 242 8.44 26.70 -4.24
N ASP B 243 7.85 25.61 -3.73
CA ASP B 243 8.58 24.68 -2.88
C ASP B 243 9.78 24.10 -3.62
N ASN B 244 9.54 23.56 -4.82
CA ASN B 244 10.65 23.05 -5.62
C ASN B 244 11.65 24.14 -5.93
N LEU B 245 11.15 25.33 -6.28
CA LEU B 245 12.04 26.46 -6.55
C LEU B 245 12.94 26.74 -5.37
N THR B 246 12.37 26.80 -4.17
CA THR B 246 13.18 27.12 -2.99
C THR B 246 14.11 25.97 -2.63
N LEU B 247 13.72 24.74 -2.91
CA LEU B 247 14.61 23.62 -2.63
C LEU B 247 15.69 23.49 -3.69
N TRP B 248 15.39 23.88 -4.93
CA TRP B 248 16.37 23.80 -6.00
C TRP B 248 17.36 24.95 -6.00
N THR B 249 17.08 26.01 -5.24
CA THR B 249 17.97 27.14 -5.10
C THR B 249 18.93 26.98 -3.94
N SER B 250 18.61 26.13 -2.96
CA SER B 250 19.45 25.94 -1.77
C SER B 250 20.68 25.11 -2.11
N GLY C 5 -6.20 -1.16 18.77
CA GLY C 5 -6.85 -2.43 18.48
C GLY C 5 -6.00 -3.63 18.84
N LEU C 7 -2.47 -6.27 18.15
CA LEU C 7 -1.04 -6.07 18.13
C LEU C 7 -0.57 -5.58 16.74
N PRO C 8 0.16 -4.46 16.72
CA PRO C 8 0.75 -4.00 15.46
C PRO C 8 2.09 -4.67 15.20
N ASP C 9 2.68 -4.35 14.04
CA ASP C 9 3.99 -4.87 13.69
C ASP C 9 5.08 -4.09 14.41
N LEU C 10 6.05 -4.82 14.97
CA LEU C 10 7.24 -4.20 15.55
C LEU C 10 8.51 -4.83 15.00
N GLY D 5 9.25 17.33 -5.95
CA GLY D 5 7.81 17.13 -5.88
C GLY D 5 7.08 17.34 -7.20
N LEU D 7 3.40 16.69 -9.48
CA LEU D 7 1.99 16.88 -9.17
C LEU D 7 1.42 15.66 -8.44
N PRO D 8 0.86 15.88 -7.25
CA PRO D 8 0.20 14.78 -6.53
C PRO D 8 -1.26 14.64 -6.96
N ASP D 9 -1.97 13.66 -6.41
CA ASP D 9 -3.37 13.47 -6.75
C ASP D 9 -4.20 14.48 -5.98
N LEU D 10 -5.09 15.19 -6.68
CA LEU D 10 -6.00 16.14 -6.08
C LEU D 10 -7.45 15.80 -6.42
N THR D 11 -7.73 14.51 -6.62
CA THR D 11 -9.08 14.07 -6.97
C THR D 11 -9.88 13.64 -5.74
#